data_6JMU
#
_entry.id   6JMU
#
_cell.length_a   31.200
_cell.length_b   90.954
_cell.length_c   52.309
_cell.angle_alpha   90.000
_cell.angle_beta   107.420
_cell.angle_gamma   90.000
#
_symmetry.space_group_name_H-M   'P 1 21 1'
#
loop_
_entity.id
_entity.type
_entity.pdbx_description
1 polymer 'ARF GTPase-activating protein GIT1'
2 polymer Paxillin
3 water water
#
loop_
_entity_poly.entity_id
_entity_poly.type
_entity_poly.pdbx_seq_one_letter_code
_entity_poly.pdbx_strand_id
1 'polypeptide(L)'
;GPGSEFLDGDLDPGLPSTEDVILKTEQVTKNIQELLRAAQEFKHDSFVPCSEKIHLAVTEMASLFPKRPALEPVRSSLRL
LNASAYRLQSECRKTVPPEPGAPVDFQLLTQQVIQCAYDIAKAAKQLVTITTREKKQ
;
A,B
2 'polypeptide(L)' GSGSGSGSGSSATRELDELMASLSDFKMQGLE C,D
#
# COMPACT_ATOMS: atom_id res chain seq x y z
N LEU A 11 1.59 30.55 -14.02
CA LEU A 11 2.53 31.54 -14.55
C LEU A 11 3.73 30.86 -15.16
N ASP A 12 4.05 29.70 -14.62
CA ASP A 12 5.20 28.92 -15.05
C ASP A 12 4.79 27.91 -16.11
N PRO A 13 5.12 28.17 -17.38
CA PRO A 13 4.83 27.21 -18.44
C PRO A 13 5.93 26.16 -18.70
N GLY A 14 6.88 26.00 -17.78
CA GLY A 14 7.83 24.91 -17.88
C GLY A 14 7.06 23.60 -17.85
N LEU A 15 7.47 22.64 -18.66
CA LEU A 15 6.79 21.36 -18.66
C LEU A 15 7.83 20.28 -18.54
N PRO A 16 7.45 19.16 -17.92
CA PRO A 16 8.40 18.06 -17.75
C PRO A 16 8.79 17.46 -19.08
N SER A 17 9.79 16.59 -19.04
CA SER A 17 10.21 15.83 -20.19
C SER A 17 9.08 14.94 -20.68
N THR A 18 9.03 14.68 -21.97
CA THR A 18 8.05 13.75 -22.49
C THR A 18 8.34 12.38 -21.92
N GLU A 19 9.60 11.96 -22.09
CA GLU A 19 10.13 10.75 -21.46
C GLU A 19 9.60 10.59 -20.04
N ASP A 20 9.82 11.61 -19.23
CA ASP A 20 9.46 11.57 -17.81
C ASP A 20 7.96 11.33 -17.61
N VAL A 21 7.13 12.06 -18.35
CA VAL A 21 5.69 11.93 -18.20
C VAL A 21 5.24 10.53 -18.52
N ILE A 22 5.62 10.05 -19.69
CA ILE A 22 5.32 8.69 -20.10
C ILE A 22 5.70 7.71 -19.01
N LEU A 23 6.95 7.82 -18.59
CA LEU A 23 7.51 6.96 -17.55
C LEU A 23 6.64 6.99 -16.31
N LYS A 24 6.16 8.17 -15.93
CA LYS A 24 5.34 8.29 -14.73
C LYS A 24 3.91 7.83 -15.03
N THR A 25 3.50 8.03 -16.27
CA THR A 25 2.20 7.60 -16.72
C THR A 25 2.09 6.08 -16.66
N GLU A 26 3.13 5.39 -17.12
CA GLU A 26 3.17 3.94 -17.06
C GLU A 26 3.04 3.41 -15.64
N GLN A 27 3.49 4.19 -14.67
CA GLN A 27 3.47 3.70 -13.30
C GLN A 27 2.07 3.78 -12.77
N VAL A 28 1.41 4.88 -13.08
CA VAL A 28 0.04 5.04 -12.66
C VAL A 28 -0.81 3.94 -13.29
N THR A 29 -0.62 3.71 -14.59
CA THR A 29 -1.48 2.77 -15.32
C THR A 29 -1.28 1.37 -14.80
N LYS A 30 -0.05 1.05 -14.42
CA LYS A 30 0.25 -0.29 -13.92
C LYS A 30 -0.45 -0.53 -12.59
N ASN A 31 -0.40 0.46 -11.71
CA ASN A 31 -1.00 0.30 -10.41
C ASN A 31 -2.53 0.23 -10.46
N ILE A 32 -3.14 1.02 -11.34
CA ILE A 32 -4.60 0.98 -11.53
C ILE A 32 -5.06 -0.36 -12.12
N GLN A 33 -4.27 -0.89 -13.06
CA GLN A 33 -4.53 -2.21 -13.61
C GLN A 33 -4.59 -3.27 -12.52
N GLU A 34 -3.67 -3.16 -11.55
CA GLU A 34 -3.59 -4.10 -10.43
C GLU A 34 -4.86 -3.95 -9.59
N LEU A 35 -5.32 -2.71 -9.43
CA LEU A 35 -6.59 -2.46 -8.75
C LEU A 35 -7.77 -3.07 -9.48
N LEU A 36 -7.78 -2.97 -10.81
CA LEU A 36 -8.89 -3.54 -11.57
C LEU A 36 -9.00 -5.05 -11.36
N ARG A 37 -7.85 -5.73 -11.39
CA ARG A 37 -7.83 -7.19 -11.32
C ARG A 37 -8.39 -7.62 -9.98
N ALA A 38 -7.94 -6.93 -8.94
CA ALA A 38 -8.44 -7.14 -7.58
C ALA A 38 -9.96 -6.90 -7.46
N ALA A 39 -10.52 -5.95 -8.21
CA ALA A 39 -11.97 -5.74 -8.22
C ALA A 39 -12.66 -6.95 -8.86
N GLN A 40 -12.12 -7.38 -10.00
CA GLN A 40 -12.62 -8.55 -10.69
C GLN A 40 -12.53 -9.80 -9.83
N GLU A 41 -11.55 -9.81 -8.92
CA GLU A 41 -11.25 -10.98 -8.10
C GLU A 41 -11.92 -10.90 -6.75
N PHE A 42 -12.65 -9.81 -6.51
CA PHE A 42 -13.25 -9.54 -5.21
C PHE A 42 -12.19 -9.57 -4.09
N LYS A 43 -11.00 -9.04 -4.38
CA LYS A 43 -9.93 -8.89 -3.39
C LYS A 43 -10.01 -7.54 -2.68
N HIS A 44 -11.13 -7.30 -2.01
CA HIS A 44 -11.44 -6.01 -1.40
C HIS A 44 -10.36 -5.56 -0.40
N ASP A 45 -9.67 -6.52 0.19
CA ASP A 45 -8.60 -6.21 1.13
C ASP A 45 -7.33 -5.76 0.39
N SER A 46 -7.34 -5.85 -0.93
CA SER A 46 -6.25 -5.29 -1.73
C SER A 46 -6.46 -3.82 -2.09
N PHE A 47 -7.70 -3.33 -2.03
CA PHE A 47 -8.03 -1.98 -2.47
C PHE A 47 -7.22 -0.91 -1.74
N VAL A 48 -7.08 -1.04 -0.43
CA VAL A 48 -6.33 -0.01 0.29
C VAL A 48 -4.84 -0.03 -0.09
N PRO A 49 -4.19 -1.20 -0.15
CA PRO A 49 -2.80 -1.11 -0.61
C PRO A 49 -2.62 -0.67 -2.08
N CYS A 50 -3.46 -1.15 -2.99
CA CYS A 50 -3.47 -0.62 -4.36
C CYS A 50 -3.62 0.90 -4.40
N SER A 51 -4.52 1.41 -3.58
CA SER A 51 -4.82 2.84 -3.58
C SER A 51 -3.62 3.64 -3.14
N GLU A 52 -2.79 3.02 -2.31
CA GLU A 52 -1.59 3.66 -1.81
C GLU A 52 -0.56 3.78 -2.91
N LYS A 53 -0.44 2.73 -3.70
CA LYS A 53 0.51 2.69 -4.79
C LYS A 53 0.10 3.64 -5.91
N ILE A 54 -1.19 3.75 -6.14
CA ILE A 54 -1.72 4.65 -7.15
C ILE A 54 -1.52 6.08 -6.69
N HIS A 55 -1.74 6.30 -5.40
CA HIS A 55 -1.59 7.64 -4.86
C HIS A 55 -0.16 8.12 -4.98
N LEU A 56 0.78 7.28 -4.59
CA LEU A 56 2.19 7.61 -4.78
C LEU A 56 2.45 7.98 -6.24
N ALA A 57 2.09 7.08 -7.15
CA ALA A 57 2.33 7.25 -8.57
C ALA A 57 1.74 8.55 -9.10
N VAL A 58 0.52 8.86 -8.69
CA VAL A 58 -0.14 10.12 -9.05
C VAL A 58 0.63 11.33 -8.56
N THR A 59 1.05 11.28 -7.30
CA THR A 59 1.75 12.39 -6.68
C THR A 59 3.08 12.69 -7.37
N GLU A 60 3.73 11.66 -7.86
CA GLU A 60 4.98 11.86 -8.58
C GLU A 60 4.75 12.44 -9.96
N MET A 61 3.68 12.03 -10.60
CA MET A 61 3.40 12.54 -11.93
C MET A 61 2.98 14.01 -11.87
N ALA A 62 2.29 14.38 -10.80
CA ALA A 62 1.79 15.75 -10.68
C ALA A 62 2.95 16.67 -10.32
N SER A 63 4.00 16.08 -9.79
CA SER A 63 5.16 16.84 -9.35
C SER A 63 6.14 17.07 -10.49
N LEU A 64 5.87 16.48 -11.65
CA LEU A 64 6.68 16.71 -12.84
C LEU A 64 6.39 18.10 -13.40
N PHE A 65 5.28 18.67 -12.94
CA PHE A 65 4.83 19.98 -13.38
C PHE A 65 5.06 20.97 -12.26
N PRO A 66 5.30 22.24 -12.62
CA PRO A 66 5.38 23.23 -11.55
C PRO A 66 4.03 23.39 -10.89
N LYS A 67 4.01 23.71 -9.59
CA LYS A 67 2.78 24.13 -8.95
C LYS A 67 2.40 25.46 -9.59
N ARG A 68 1.10 25.78 -9.60
CA ARG A 68 0.56 26.87 -10.43
C ARG A 68 1.27 27.01 -11.79
N PRO A 69 1.18 25.97 -12.64
CA PRO A 69 1.77 26.06 -13.98
C PRO A 69 0.94 27.00 -14.87
N ALA A 70 1.13 27.01 -16.19
CA ALA A 70 0.55 28.07 -17.01
C ALA A 70 -0.63 27.72 -17.96
N LEU A 71 -0.49 26.70 -18.80
CA LEU A 71 -1.57 26.37 -19.74
C LEU A 71 -2.80 25.90 -18.97
N GLU A 72 -3.92 26.57 -19.17
CA GLU A 72 -5.14 26.20 -18.44
C GLU A 72 -5.47 24.70 -18.45
N PRO A 73 -5.34 24.04 -19.61
CA PRO A 73 -5.74 22.63 -19.59
C PRO A 73 -4.83 21.77 -18.74
N VAL A 74 -3.62 22.24 -18.51
CA VAL A 74 -2.71 21.52 -17.64
C VAL A 74 -3.19 21.70 -16.20
N ARG A 75 -3.71 22.89 -15.90
CA ARG A 75 -4.21 23.18 -14.57
C ARG A 75 -5.53 22.48 -14.24
N SER A 76 -6.42 22.40 -15.23
CA SER A 76 -7.68 21.70 -15.07
C SER A 76 -7.45 20.21 -14.85
N SER A 77 -6.51 19.64 -15.59
CA SER A 77 -6.23 18.22 -15.57
C SER A 77 -5.60 17.82 -14.25
N LEU A 78 -4.74 18.68 -13.73
CA LEU A 78 -4.00 18.36 -12.52
C LEU A 78 -4.89 18.24 -11.29
N ARG A 79 -5.83 19.16 -11.11
CA ARG A 79 -6.68 19.06 -9.93
C ARG A 79 -7.53 17.80 -10.05
N LEU A 80 -8.13 17.57 -11.21
CA LEU A 80 -8.88 16.34 -11.44
C LEU A 80 -8.03 15.10 -11.20
N LEU A 81 -6.74 15.15 -11.54
CA LEU A 81 -5.84 14.04 -11.24
C LEU A 81 -5.66 13.92 -9.73
N ASN A 82 -5.36 15.04 -9.11
CA ASN A 82 -5.16 15.09 -7.68
C ASN A 82 -6.42 14.84 -6.88
N ALA A 83 -7.52 15.49 -7.27
CA ALA A 83 -8.82 15.26 -6.66
C ALA A 83 -9.20 13.79 -6.68
N SER A 84 -8.98 13.13 -7.81
CA SER A 84 -9.45 11.77 -7.99
C SER A 84 -8.61 10.80 -7.16
N ALA A 85 -7.31 11.07 -7.07
CA ALA A 85 -6.44 10.26 -6.22
C ALA A 85 -6.87 10.34 -4.76
N TYR A 86 -7.24 11.54 -4.32
CA TYR A 86 -7.71 11.77 -2.96
C TYR A 86 -9.02 11.03 -2.66
N ARG A 87 -9.93 11.00 -3.64
CA ARG A 87 -11.21 10.31 -3.47
C ARG A 87 -11.02 8.80 -3.46
N LEU A 88 -10.13 8.33 -4.31
CA LEU A 88 -9.86 6.91 -4.36
C LEU A 88 -9.34 6.40 -3.02
N GLN A 89 -8.42 7.14 -2.39
CA GLN A 89 -7.92 6.72 -1.09
C GLN A 89 -9.03 6.69 -0.08
N SER A 90 -9.85 7.74 -0.05
CA SER A 90 -10.93 7.82 0.91
C SER A 90 -11.92 6.68 0.75
N GLU A 91 -12.33 6.43 -0.49
CA GLU A 91 -13.30 5.38 -0.79
C GLU A 91 -12.76 4.03 -0.34
N CYS A 92 -11.48 3.81 -0.59
CA CYS A 92 -10.91 2.51 -0.40
C CYS A 92 -10.91 2.15 1.06
N ARG A 93 -10.68 3.15 1.90
CA ARG A 93 -10.66 2.94 3.35
C ARG A 93 -12.00 2.44 3.86
N LYS A 94 -13.06 2.65 3.09
CA LYS A 94 -14.38 2.25 3.54
C LYS A 94 -14.61 0.74 3.47
N THR A 95 -13.64 0.01 2.92
CA THR A 95 -13.66 -1.46 2.95
C THR A 95 -13.41 -1.91 4.37
N VAL A 96 -12.79 -1.02 5.14
CA VAL A 96 -12.58 -1.24 6.56
C VAL A 96 -13.75 -0.62 7.35
N PRO A 97 -14.71 -1.46 7.76
CA PRO A 97 -15.96 -1.03 8.42
C PRO A 97 -15.71 -0.22 9.69
N PRO A 98 -16.73 0.53 10.16
CA PRO A 98 -16.62 1.33 11.38
C PRO A 98 -16.18 0.51 12.59
N GLU A 99 -16.99 -0.47 12.99
CA GLU A 99 -16.59 -1.42 14.02
C GLU A 99 -16.36 -2.75 13.34
N PRO A 100 -15.59 -3.64 13.97
CA PRO A 100 -15.36 -4.97 13.36
C PRO A 100 -16.71 -5.65 13.04
N GLY A 101 -16.74 -6.39 11.94
CA GLY A 101 -17.94 -7.11 11.55
C GLY A 101 -19.13 -6.23 11.25
N ALA A 102 -18.85 -4.99 10.90
CA ALA A 102 -19.91 -4.11 10.43
C ALA A 102 -20.06 -4.45 8.94
N PRO A 103 -21.28 -4.35 8.39
CA PRO A 103 -21.53 -4.61 6.97
C PRO A 103 -20.98 -3.55 6.03
N VAL A 104 -20.56 -3.99 4.85
CA VAL A 104 -20.04 -3.10 3.83
C VAL A 104 -20.72 -3.43 2.49
N ASP A 105 -21.18 -2.40 1.77
CA ASP A 105 -21.80 -2.60 0.47
C ASP A 105 -20.69 -2.67 -0.57
N PHE A 106 -20.08 -3.84 -0.68
CA PHE A 106 -18.89 -3.99 -1.50
C PHE A 106 -19.18 -3.84 -2.96
N GLN A 107 -20.39 -4.17 -3.37
CA GLN A 107 -20.72 -4.03 -4.78
C GLN A 107 -20.83 -2.54 -5.16
N LEU A 108 -21.42 -1.74 -4.28
CA LEU A 108 -21.50 -0.32 -4.55
C LEU A 108 -20.13 0.33 -4.41
N LEU A 109 -19.44 -0.03 -3.33
CA LEU A 109 -18.15 0.57 -3.06
C LEU A 109 -17.19 0.30 -4.21
N THR A 110 -17.17 -0.93 -4.68
CA THR A 110 -16.28 -1.30 -5.77
C THR A 110 -16.51 -0.47 -7.02
N GLN A 111 -17.77 -0.22 -7.36
CA GLN A 111 -18.10 0.64 -8.49
C GLN A 111 -17.59 2.06 -8.28
N GLN A 112 -17.75 2.58 -7.07
CA GLN A 112 -17.26 3.90 -6.71
C GLN A 112 -15.74 3.94 -6.85
N VAL A 113 -15.10 2.86 -6.42
CA VAL A 113 -13.65 2.72 -6.52
C VAL A 113 -13.19 2.75 -7.97
N ILE A 114 -13.81 1.92 -8.79
CA ILE A 114 -13.42 1.84 -10.18
C ILE A 114 -13.68 3.17 -10.90
N GLN A 115 -14.83 3.78 -10.61
CA GLN A 115 -15.13 5.08 -11.17
C GLN A 115 -14.02 6.07 -10.88
N CYS A 116 -13.59 6.14 -9.62
CA CYS A 116 -12.50 7.01 -9.25
C CYS A 116 -11.24 6.69 -10.04
N ALA A 117 -10.98 5.40 -10.26
CA ALA A 117 -9.79 5.00 -10.99
C ALA A 117 -9.89 5.45 -12.44
N TYR A 118 -11.10 5.39 -13.00
CA TYR A 118 -11.31 5.86 -14.35
C TYR A 118 -10.88 7.31 -14.45
N ASP A 119 -11.34 8.10 -13.49
CA ASP A 119 -11.08 9.53 -13.49
C ASP A 119 -9.60 9.81 -13.48
N ILE A 120 -8.83 8.97 -12.78
CA ILE A 120 -7.39 9.15 -12.72
C ILE A 120 -6.76 8.92 -14.08
N ALA A 121 -7.11 7.79 -14.69
CA ALA A 121 -6.64 7.44 -16.03
C ALA A 121 -7.00 8.54 -17.04
N LYS A 122 -8.21 9.04 -16.94
CA LYS A 122 -8.71 10.13 -17.78
C LYS A 122 -7.85 11.38 -17.64
N ALA A 123 -7.63 11.81 -16.40
CA ALA A 123 -6.83 13.00 -16.13
C ALA A 123 -5.39 12.80 -16.58
N ALA A 124 -4.87 11.60 -16.40
CA ALA A 124 -3.51 11.30 -16.82
C ALA A 124 -3.36 11.42 -18.33
N LYS A 125 -4.30 10.85 -19.07
CA LYS A 125 -4.25 10.89 -20.52
C LYS A 125 -4.37 12.33 -21.01
N GLN A 126 -5.19 13.11 -20.33
CA GLN A 126 -5.32 14.52 -20.65
C GLN A 126 -3.97 15.18 -20.59
N LEU A 127 -3.23 14.85 -19.55
CA LEU A 127 -1.95 15.46 -19.30
C LEU A 127 -0.95 14.99 -20.33
N VAL A 128 -1.00 13.70 -20.65
CA VAL A 128 -0.14 13.14 -21.70
C VAL A 128 -0.39 13.84 -23.02
N THR A 129 -1.65 14.03 -23.33
CA THR A 129 -2.04 14.59 -24.60
C THR A 129 -1.52 16.02 -24.72
N ILE A 130 -1.75 16.84 -23.71
CA ILE A 130 -1.31 18.23 -23.74
C ILE A 130 0.20 18.34 -23.75
N THR A 131 0.84 17.50 -22.95
CA THR A 131 2.27 17.63 -22.78
C THR A 131 3.03 17.12 -24.01
N THR A 132 2.67 15.95 -24.53
CA THR A 132 3.36 15.44 -25.72
C THR A 132 3.16 16.40 -26.87
N ARG A 133 2.03 17.06 -26.87
CA ARG A 133 1.65 18.00 -27.92
C ARG A 133 2.47 19.29 -27.89
N GLU A 134 2.54 19.92 -26.73
CA GLU A 134 3.24 21.19 -26.59
C GLU A 134 4.76 21.06 -26.82
N LYS A 135 5.24 19.82 -26.84
CA LYS A 135 6.66 19.53 -26.89
C LYS A 135 7.19 19.40 -28.33
N LYS A 136 6.35 19.73 -29.30
CA LYS A 136 6.75 19.71 -30.70
C LYS A 136 6.83 21.15 -31.23
N GLN A 137 5.69 21.83 -31.20
CA GLN A 137 5.63 23.28 -31.43
C GLN A 137 4.49 23.90 -30.63
N LEU B 11 16.33 4.91 -8.72
CA LEU B 11 16.02 5.06 -7.31
C LEU B 11 15.28 6.35 -7.05
N ASP B 12 14.26 6.23 -6.21
CA ASP B 12 13.35 7.30 -5.88
C ASP B 12 13.62 7.67 -4.44
N PRO B 13 13.95 8.94 -4.20
CA PRO B 13 14.17 9.43 -2.84
C PRO B 13 12.86 9.82 -2.15
N GLY B 14 11.73 9.74 -2.85
CA GLY B 14 10.45 10.10 -2.25
C GLY B 14 10.15 9.31 -0.99
N LEU B 15 9.33 9.89 -0.13
CA LEU B 15 9.00 9.27 1.16
C LEU B 15 7.61 9.69 1.62
N PRO B 16 6.93 8.81 2.37
CA PRO B 16 5.60 9.11 2.90
C PRO B 16 5.64 10.12 4.04
N SER B 17 4.52 10.82 4.25
CA SER B 17 4.36 11.66 5.43
C SER B 17 4.58 10.86 6.70
N THR B 18 4.90 11.53 7.79
CA THR B 18 5.09 10.80 9.04
C THR B 18 3.76 10.25 9.50
N GLU B 19 2.71 11.06 9.37
CA GLU B 19 1.38 10.69 9.82
C GLU B 19 0.92 9.35 9.22
N ASP B 20 1.22 9.14 7.95
CA ASP B 20 0.89 7.88 7.30
C ASP B 20 1.66 6.73 7.90
N VAL B 21 2.97 6.90 8.04
CA VAL B 21 3.82 5.88 8.60
C VAL B 21 3.30 5.47 9.97
N ILE B 22 3.05 6.48 10.79
CA ILE B 22 2.51 6.32 12.11
C ILE B 22 1.25 5.47 12.15
N LEU B 23 0.25 5.85 11.35
CA LEU B 23 -1.00 5.12 11.34
C LEU B 23 -0.79 3.70 10.87
N LYS B 24 0.11 3.48 9.92
CA LYS B 24 0.34 2.13 9.44
C LYS B 24 0.98 1.29 10.54
N THR B 25 1.84 1.94 11.31
CA THR B 25 2.51 1.27 12.40
C THR B 25 1.50 0.87 13.46
N GLU B 26 0.52 1.73 13.67
CA GLU B 26 -0.57 1.43 14.61
C GLU B 26 -1.24 0.12 14.26
N GLN B 27 -1.35 -0.15 12.97
CA GLN B 27 -2.13 -1.29 12.51
C GLN B 27 -1.27 -2.55 12.62
N VAL B 28 0.01 -2.40 12.30
CA VAL B 28 0.93 -3.51 12.42
C VAL B 28 1.01 -3.98 13.85
N THR B 29 1.22 -3.03 14.76
CA THR B 29 1.27 -3.33 16.18
C THR B 29 0.02 -4.04 16.64
N LYS B 30 -1.11 -3.52 16.19
CA LYS B 30 -2.41 -3.98 16.66
C LYS B 30 -2.62 -5.41 16.27
N ASN B 31 -2.21 -5.75 15.05
CA ASN B 31 -2.39 -7.11 14.56
C ASN B 31 -1.36 -8.09 15.12
N ILE B 32 -0.15 -7.61 15.43
CA ILE B 32 0.87 -8.45 16.08
C ILE B 32 0.51 -8.70 17.54
N GLN B 33 -0.07 -7.70 18.18
CA GLN B 33 -0.49 -7.82 19.56
C GLN B 33 -1.58 -8.88 19.70
N GLU B 34 -2.50 -8.91 18.74
CA GLU B 34 -3.59 -9.87 18.72
C GLU B 34 -3.08 -11.30 18.53
N LEU B 35 -2.09 -11.47 17.66
CA LEU B 35 -1.44 -12.77 17.46
C LEU B 35 -0.73 -13.22 18.72
N LEU B 36 -0.04 -12.31 19.39
CA LEU B 36 0.64 -12.64 20.64
C LEU B 36 -0.32 -13.18 21.71
N ARG B 37 -1.43 -12.49 21.90
CA ARG B 37 -2.40 -12.90 22.92
C ARG B 37 -3.13 -14.18 22.51
N ALA B 38 -3.33 -14.39 21.21
CA ALA B 38 -3.75 -15.70 20.75
C ALA B 38 -2.71 -16.78 21.09
N ALA B 39 -1.41 -16.47 21.01
CA ALA B 39 -0.35 -17.41 21.41
C ALA B 39 -0.42 -17.68 22.90
N GLN B 40 -0.55 -16.62 23.69
CA GLN B 40 -0.59 -16.72 25.14
C GLN B 40 -1.80 -17.51 25.63
N GLU B 41 -2.79 -17.68 24.76
CA GLU B 41 -3.98 -18.43 25.10
C GLU B 41 -4.03 -19.79 24.41
N PHE B 42 -2.90 -20.21 23.84
CA PHE B 42 -2.86 -21.49 23.12
C PHE B 42 -3.92 -21.63 22.01
N LYS B 43 -4.39 -20.53 21.45
CA LYS B 43 -5.34 -20.63 20.33
C LYS B 43 -4.67 -20.63 18.96
N HIS B 44 -4.21 -21.80 18.54
CA HIS B 44 -3.48 -21.97 17.29
C HIS B 44 -4.39 -21.84 16.09
N ASP B 45 -5.69 -21.96 16.34
CA ASP B 45 -6.68 -21.75 15.29
C ASP B 45 -6.59 -20.34 14.70
N SER B 46 -6.17 -19.39 15.52
CA SER B 46 -6.14 -18.00 15.14
C SER B 46 -4.87 -17.62 14.39
N PHE B 47 -3.86 -18.49 14.42
CA PHE B 47 -2.54 -18.12 13.92
C PHE B 47 -2.57 -17.75 12.44
N VAL B 48 -3.28 -18.53 11.64
CA VAL B 48 -3.32 -18.27 10.20
C VAL B 48 -4.08 -16.97 9.88
N PRO B 49 -5.30 -16.78 10.44
CA PRO B 49 -5.94 -15.50 10.15
C PRO B 49 -5.18 -14.29 10.69
N CYS B 50 -4.54 -14.43 11.84
CA CYS B 50 -3.78 -13.32 12.38
C CYS B 50 -2.63 -12.95 11.45
N SER B 51 -1.91 -13.95 10.92
CA SER B 51 -0.80 -13.70 10.01
C SER B 51 -1.30 -13.05 8.74
N GLU B 52 -2.54 -13.35 8.35
CA GLU B 52 -3.09 -12.71 7.17
C GLU B 52 -3.45 -11.26 7.46
N LYS B 53 -4.01 -11.00 8.64
CA LYS B 53 -4.17 -9.64 9.13
C LYS B 53 -2.83 -8.90 9.12
N ILE B 54 -1.84 -9.51 9.76
CA ILE B 54 -0.52 -8.93 9.85
C ILE B 54 0.13 -8.68 8.49
N HIS B 55 0.01 -9.64 7.59
CA HIS B 55 0.56 -9.45 6.26
C HIS B 55 -0.05 -8.25 5.56
N LEU B 56 -1.33 -8.01 5.80
CA LEU B 56 -2.02 -6.90 5.16
C LEU B 56 -1.52 -5.56 5.68
N ALA B 57 -1.43 -5.46 7.00
CA ALA B 57 -0.89 -4.24 7.60
C ALA B 57 0.55 -3.98 7.13
N VAL B 58 1.31 -5.05 6.94
CA VAL B 58 2.68 -4.90 6.45
C VAL B 58 2.64 -4.37 5.01
N THR B 59 1.76 -4.95 4.19
CA THR B 59 1.59 -4.52 2.82
C THR B 59 1.15 -3.05 2.72
N GLU B 60 0.28 -2.61 3.63
CA GLU B 60 -0.09 -1.19 3.66
C GLU B 60 1.05 -0.30 4.15
N MET B 61 1.89 -0.81 5.05
CA MET B 61 3.05 -0.06 5.45
C MET B 61 4.02 0.11 4.27
N ALA B 62 4.46 -1.01 3.71
CA ALA B 62 5.42 -1.00 2.61
C ALA B 62 4.97 -0.17 1.42
N SER B 63 3.66 -0.09 1.23
CA SER B 63 3.12 0.58 0.06
C SER B 63 3.15 2.10 0.20
N LEU B 64 3.46 2.60 1.39
CA LEU B 64 3.71 4.02 1.57
C LEU B 64 4.94 4.49 0.80
N PHE B 65 5.85 3.56 0.56
CA PHE B 65 7.18 3.84 0.01
C PHE B 65 7.30 3.38 -1.43
N PRO B 66 8.18 4.04 -2.21
CA PRO B 66 8.45 3.52 -3.57
C PRO B 66 8.99 2.08 -3.54
N LYS B 67 8.94 1.38 -4.66
CA LYS B 67 9.41 -0.01 -4.70
C LYS B 67 10.93 -0.13 -4.44
N ARG B 68 11.70 0.81 -4.99
CA ARG B 68 13.15 0.78 -4.83
C ARG B 68 13.68 2.06 -4.17
N PRO B 69 13.36 2.28 -2.88
CA PRO B 69 13.77 3.52 -2.20
C PRO B 69 15.24 3.89 -2.45
N ALA B 70 15.56 5.18 -2.43
CA ALA B 70 16.93 5.58 -2.74
C ALA B 70 17.91 5.39 -1.58
N LEU B 71 17.42 5.40 -0.34
CA LEU B 71 18.27 5.29 0.85
C LEU B 71 18.45 3.83 1.26
N GLU B 72 19.69 3.35 1.37
CA GLU B 72 19.90 1.93 1.66
C GLU B 72 19.24 1.47 2.96
N PRO B 73 19.31 2.29 4.02
CA PRO B 73 18.61 1.92 5.24
C PRO B 73 17.12 1.59 5.06
N VAL B 74 16.45 2.25 4.13
CA VAL B 74 15.03 2.02 3.92
C VAL B 74 14.78 0.74 3.10
N ARG B 75 15.52 0.55 2.02
CA ARG B 75 15.43 -0.69 1.25
C ARG B 75 15.69 -1.90 2.15
N SER B 76 16.75 -1.81 2.93
CA SER B 76 17.16 -2.87 3.84
C SER B 76 16.09 -3.16 4.90
N SER B 77 15.49 -2.11 5.45
CA SER B 77 14.43 -2.26 6.43
C SER B 77 13.19 -2.87 5.80
N LEU B 78 12.79 -2.33 4.67
CA LEU B 78 11.64 -2.84 3.92
C LEU B 78 11.80 -4.29 3.50
N ARG B 79 13.01 -4.70 3.16
CA ARG B 79 13.25 -6.08 2.76
C ARG B 79 13.09 -6.98 3.97
N LEU B 80 13.51 -6.49 5.12
CA LEU B 80 13.35 -7.21 6.37
C LEU B 80 11.86 -7.29 6.75
N LEU B 81 11.11 -6.26 6.40
CA LEU B 81 9.68 -6.20 6.74
C LEU B 81 8.86 -7.19 5.93
N ASN B 82 9.06 -7.19 4.63
CA ASN B 82 8.29 -8.07 3.76
C ASN B 82 8.71 -9.55 3.89
N ALA B 83 10.02 -9.78 3.95
CA ALA B 83 10.57 -11.12 4.20
C ALA B 83 10.11 -11.73 5.53
N SER B 84 9.91 -10.89 6.54
CA SER B 84 9.45 -11.37 7.83
C SER B 84 7.93 -11.61 7.88
N ALA B 85 7.15 -10.82 7.14
CA ALA B 85 5.70 -11.05 7.09
C ALA B 85 5.37 -12.29 6.26
N TYR B 86 6.15 -12.51 5.19
CA TYR B 86 6.02 -13.72 4.37
C TYR B 86 6.34 -14.97 5.18
N ARG B 87 7.44 -14.89 5.92
CA ARG B 87 7.91 -16.02 6.70
C ARG B 87 6.92 -16.32 7.82
N LEU B 88 6.31 -15.28 8.39
CA LEU B 88 5.27 -15.47 9.39
C LEU B 88 4.13 -16.32 8.84
N GLN B 89 3.69 -15.96 7.65
CA GLN B 89 2.56 -16.63 7.06
C GLN B 89 2.94 -18.07 6.84
N SER B 90 4.18 -18.27 6.42
CA SER B 90 4.68 -19.60 6.14
C SER B 90 4.68 -20.48 7.41
N GLU B 91 5.05 -19.88 8.54
CA GLU B 91 5.14 -20.61 9.81
C GLU B 91 3.74 -20.93 10.35
N CYS B 92 2.79 -20.03 10.14
CA CYS B 92 1.45 -20.24 10.68
C CYS B 92 0.69 -21.33 9.93
N ARG B 93 1.03 -21.53 8.66
CA ARG B 93 0.40 -22.60 7.90
C ARG B 93 0.75 -23.95 8.51
N LYS B 94 1.85 -24.00 9.24
CA LYS B 94 2.27 -25.24 9.87
C LYS B 94 1.44 -25.60 11.10
N THR B 95 0.32 -24.91 11.30
CA THR B 95 -0.62 -25.27 12.36
C THR B 95 -1.53 -26.35 11.82
N VAL B 96 -1.56 -26.46 10.49
CA VAL B 96 -2.38 -27.44 9.78
C VAL B 96 -1.53 -28.64 9.35
N PRO B 97 -1.79 -29.81 9.94
CA PRO B 97 -1.11 -31.09 9.66
C PRO B 97 -1.25 -31.57 8.20
N PRO B 98 -0.34 -32.48 7.76
CA PRO B 98 -0.50 -33.01 6.41
C PRO B 98 -1.79 -33.78 6.36
N GLU B 99 -2.02 -34.57 7.40
CA GLU B 99 -3.24 -35.34 7.54
C GLU B 99 -3.91 -34.94 8.84
N PRO B 100 -5.23 -34.93 8.86
CA PRO B 100 -5.96 -34.41 10.02
C PRO B 100 -5.64 -35.20 11.26
N GLY B 101 -5.56 -34.50 12.38
CA GLY B 101 -5.19 -35.12 13.63
C GLY B 101 -3.70 -35.38 13.73
N ALA B 102 -2.94 -35.17 12.65
CA ALA B 102 -1.51 -35.43 12.73
C ALA B 102 -0.83 -34.51 13.76
N PRO B 103 0.22 -35.02 14.41
CA PRO B 103 0.97 -34.31 15.45
C PRO B 103 1.63 -33.03 15.00
N VAL B 104 1.47 -31.96 15.78
CA VAL B 104 2.16 -30.70 15.59
C VAL B 104 2.92 -30.34 16.89
N ASP B 105 4.18 -29.92 16.78
CA ASP B 105 4.92 -29.42 17.95
C ASP B 105 4.57 -27.96 18.12
N PHE B 106 3.42 -27.70 18.73
CA PHE B 106 2.89 -26.35 18.83
C PHE B 106 3.72 -25.44 19.70
N GLN B 107 4.33 -25.98 20.74
CA GLN B 107 5.21 -25.18 21.58
C GLN B 107 6.37 -24.61 20.76
N LEU B 108 7.04 -25.47 20.00
CA LEU B 108 8.14 -25.04 19.15
C LEU B 108 7.62 -24.11 18.07
N LEU B 109 6.49 -24.48 17.47
CA LEU B 109 5.93 -23.69 16.40
C LEU B 109 5.64 -22.28 16.91
N THR B 110 4.84 -22.19 17.96
CA THR B 110 4.42 -20.91 18.53
C THR B 110 5.61 -19.98 18.73
N GLN B 111 6.71 -20.57 19.16
CA GLN B 111 7.93 -19.84 19.40
C GLN B 111 8.55 -19.40 18.09
N GLN B 112 8.39 -20.21 17.04
CA GLN B 112 8.93 -19.84 15.75
C GLN B 112 8.17 -18.65 15.21
N VAL B 113 6.87 -18.69 15.43
CA VAL B 113 5.94 -17.66 14.97
C VAL B 113 6.15 -16.33 15.65
N ILE B 114 6.25 -16.37 16.97
CA ILE B 114 6.44 -15.17 17.76
C ILE B 114 7.79 -14.52 17.44
N GLN B 115 8.77 -15.31 17.04
CA GLN B 115 10.06 -14.76 16.67
C GLN B 115 9.98 -14.01 15.35
N CYS B 116 9.21 -14.54 14.40
CA CYS B 116 8.98 -13.85 13.13
C CYS B 116 8.23 -12.55 13.36
N ALA B 117 7.30 -12.59 14.29
CA ALA B 117 6.52 -11.42 14.68
C ALA B 117 7.44 -10.33 15.22
N TYR B 118 8.45 -10.76 15.96
CA TYR B 118 9.43 -9.85 16.53
C TYR B 118 10.29 -9.21 15.44
N ASP B 119 10.71 -10.02 14.47
CA ASP B 119 11.47 -9.52 13.33
C ASP B 119 10.70 -8.44 12.57
N ILE B 120 9.41 -8.68 12.37
CA ILE B 120 8.51 -7.70 11.77
C ILE B 120 8.47 -6.41 12.58
N ALA B 121 8.21 -6.54 13.89
CA ALA B 121 8.15 -5.37 14.75
C ALA B 121 9.46 -4.61 14.70
N LYS B 122 10.56 -5.36 14.66
CA LYS B 122 11.89 -4.76 14.62
C LYS B 122 12.15 -4.04 13.29
N ALA B 123 11.76 -4.67 12.18
CA ALA B 123 11.88 -4.08 10.85
C ALA B 123 11.09 -2.81 10.76
N ALA B 124 9.86 -2.86 11.24
CA ALA B 124 8.99 -1.69 11.22
C ALA B 124 9.60 -0.59 12.07
N LYS B 125 10.18 -0.95 13.20
CA LYS B 125 10.78 0.04 14.05
C LYS B 125 11.92 0.79 13.34
N GLN B 126 12.72 0.08 12.57
CA GLN B 126 13.84 0.71 11.88
C GLN B 126 13.30 1.63 10.78
N LEU B 127 12.22 1.20 10.15
CA LEU B 127 11.61 1.98 9.08
C LEU B 127 11.12 3.31 9.63
N VAL B 128 10.36 3.24 10.72
CA VAL B 128 9.89 4.42 11.45
C VAL B 128 11.00 5.36 11.87
N THR B 129 12.11 4.77 12.30
CA THR B 129 13.23 5.54 12.82
C THR B 129 13.89 6.33 11.69
N ILE B 130 14.24 5.66 10.59
CA ILE B 130 14.80 6.35 9.44
C ILE B 130 13.88 7.44 8.93
N THR B 131 12.62 7.06 8.76
CA THR B 131 11.65 7.94 8.17
C THR B 131 11.39 9.17 9.02
N THR B 132 11.40 9.04 10.34
CA THR B 132 11.14 10.19 11.18
C THR B 132 12.32 11.13 11.11
N ARG B 133 13.53 10.58 11.15
CA ARG B 133 14.72 11.40 11.10
C ARG B 133 14.84 12.17 9.79
N GLU B 134 14.48 11.52 8.70
CA GLU B 134 14.57 12.14 7.38
C GLU B 134 13.51 13.21 7.15
N LYS B 135 12.40 13.14 7.90
CA LYS B 135 11.32 14.10 7.72
C LYS B 135 11.37 15.14 8.83
N LYS B 136 12.06 14.83 9.93
CA LYS B 136 12.21 15.78 11.03
C LYS B 136 13.12 16.97 10.71
N GLN B 137 14.21 16.71 9.98
CA GLN B 137 15.24 17.73 9.70
C GLN B 137 14.66 19.08 9.25
N GLY C 9 4.08 9.46 -27.15
CA GLY C 9 3.00 9.60 -26.19
C GLY C 9 1.72 9.01 -26.73
N SER C 10 1.70 8.72 -28.02
CA SER C 10 0.59 8.00 -28.63
C SER C 10 0.38 6.68 -27.91
N SER C 11 1.45 5.93 -27.74
CA SER C 11 1.40 4.65 -27.08
C SER C 11 1.07 4.82 -25.60
N ALA C 12 1.43 5.98 -25.06
CA ALA C 12 1.07 6.32 -23.68
C ALA C 12 -0.43 6.44 -23.58
N THR C 13 -0.98 7.19 -24.52
CA THR C 13 -2.41 7.39 -24.57
C THR C 13 -3.13 6.10 -24.93
N ARG C 14 -2.58 5.33 -25.88
CA ARG C 14 -3.19 4.06 -26.24
C ARG C 14 -3.25 3.12 -25.03
N GLU C 15 -2.21 3.14 -24.22
CA GLU C 15 -2.20 2.31 -23.03
C GLU C 15 -3.19 2.84 -21.99
N LEU C 16 -3.42 4.15 -22.01
CA LEU C 16 -4.40 4.76 -21.12
C LEU C 16 -5.81 4.45 -21.60
N ASP C 17 -6.01 4.54 -22.90
CA ASP C 17 -7.30 4.24 -23.50
C ASP C 17 -7.65 2.76 -23.27
N GLU C 18 -6.65 1.89 -23.36
CA GLU C 18 -6.80 0.47 -23.06
C GLU C 18 -7.30 0.25 -21.63
N LEU C 19 -6.75 1.00 -20.71
CA LEU C 19 -7.10 0.85 -19.31
C LEU C 19 -8.50 1.43 -19.04
N MET C 20 -8.80 2.58 -19.64
CA MET C 20 -10.10 3.21 -19.51
C MET C 20 -11.23 2.33 -20.08
N ALA C 21 -11.04 1.78 -21.28
CA ALA C 21 -11.97 0.80 -21.83
C ALA C 21 -12.23 -0.35 -20.86
N SER C 22 -11.20 -0.88 -20.22
CA SER C 22 -11.34 -2.01 -19.31
C SER C 22 -12.12 -1.63 -18.05
N LEU C 23 -11.80 -0.47 -17.49
CA LEU C 23 -12.45 0.04 -16.28
C LEU C 23 -13.93 0.34 -16.52
N SER C 24 -14.25 0.99 -17.64
CA SER C 24 -15.63 1.40 -17.88
C SER C 24 -16.46 0.19 -18.30
N ASP C 25 -15.83 -0.80 -18.89
CA ASP C 25 -16.51 -2.03 -19.25
C ASP C 25 -16.88 -2.81 -17.99
N PHE C 26 -15.99 -2.79 -17.00
CA PHE C 26 -16.25 -3.35 -15.66
C PHE C 26 -17.47 -2.67 -15.03
N LYS C 27 -17.65 -1.39 -15.37
CA LYS C 27 -18.82 -0.62 -14.93
C LYS C 27 -20.07 -0.80 -15.80
N MET C 28 -19.95 -1.54 -16.91
CA MET C 28 -21.10 -1.74 -17.81
C MET C 28 -21.33 -3.25 -17.98
N GLN C 29 -20.44 -4.01 -17.35
CA GLN C 29 -20.32 -5.45 -17.55
C GLN C 29 -20.24 -5.77 -19.03
N SER D 10 7.80 8.68 17.04
CA SER D 10 8.53 8.48 18.28
C SER D 10 7.68 7.85 19.37
N SER D 11 6.41 8.26 19.45
CA SER D 11 5.47 7.58 20.32
C SER D 11 5.14 6.23 19.69
N ALA D 12 5.34 6.15 18.37
CA ALA D 12 5.17 4.90 17.64
C ALA D 12 6.34 3.97 17.88
N THR D 13 7.53 4.56 17.88
CA THR D 13 8.74 3.82 18.19
C THR D 13 8.58 3.18 19.57
N ARG D 14 8.12 3.96 20.53
CA ARG D 14 7.86 3.48 21.87
C ARG D 14 6.83 2.34 21.88
N GLU D 15 5.82 2.45 21.03
CA GLU D 15 4.77 1.44 20.97
C GLU D 15 5.29 0.14 20.40
N LEU D 16 6.12 0.26 19.38
CA LEU D 16 6.82 -0.89 18.84
C LEU D 16 7.74 -1.49 19.88
N ASP D 17 8.44 -0.63 20.61
CA ASP D 17 9.34 -1.07 21.67
C ASP D 17 8.59 -1.83 22.75
N GLU D 18 7.41 -1.35 23.11
CA GLU D 18 6.57 -1.98 24.13
C GLU D 18 6.06 -3.32 23.65
N LEU D 19 5.68 -3.37 22.38
CA LEU D 19 5.30 -4.62 21.76
C LEU D 19 6.50 -5.55 21.71
N MET D 20 7.65 -5.03 21.29
CA MET D 20 8.86 -5.86 21.20
C MET D 20 9.23 -6.47 22.55
N ALA D 21 9.05 -5.71 23.62
CA ALA D 21 9.34 -6.21 24.97
C ALA D 21 8.40 -7.35 25.34
N SER D 22 7.15 -7.23 24.95
CA SER D 22 6.12 -8.22 25.26
C SER D 22 6.42 -9.52 24.54
N LEU D 23 6.88 -9.39 23.30
CA LEU D 23 7.25 -10.52 22.46
C LEU D 23 8.54 -11.19 22.94
N SER D 24 9.55 -10.39 23.29
CA SER D 24 10.81 -10.96 23.73
C SER D 24 10.60 -11.65 25.07
N ASP D 25 9.73 -11.09 25.90
CA ASP D 25 9.47 -11.67 27.22
C ASP D 25 8.77 -13.03 27.11
N PHE D 26 7.88 -13.16 26.14
CA PHE D 26 7.25 -14.45 25.81
C PHE D 26 8.29 -15.51 25.43
N LYS D 27 9.33 -15.08 24.72
CA LYS D 27 10.34 -16.01 24.21
C LYS D 27 11.63 -15.95 25.04
N MET D 28 11.51 -15.46 26.28
CA MET D 28 12.59 -15.52 27.26
C MET D 28 12.07 -16.22 28.52
N GLN D 29 10.93 -16.89 28.38
CA GLN D 29 10.45 -17.71 29.48
C GLN D 29 11.14 -19.08 29.43
#